data_1GSS
#
_entry.id   1GSS
#
_cell.length_a   60.500
_cell.length_b   60.500
_cell.length_c   238.900
_cell.angle_alpha   90.00
_cell.angle_beta   90.00
_cell.angle_gamma   90.00
#
_symmetry.space_group_name_H-M   'P 43 21 2'
#
loop_
_entity.id
_entity.type
_entity.pdbx_description
1 polymer 'GLUTATHIONE S-TRANSFERASE'
2 non-polymer L-gamma-glutamyl-S-hexyl-L-cysteinylglycine
3 water water
#
_entity_poly.entity_id   1
_entity_poly.type   'polypeptide(L)'
_entity_poly.pdbx_seq_one_letter_code
;PPYTVVYFPVRGRCAALRMLLADQGQSWKEEVVTVETWQEGSLKASCLYGQLPKFQDGDLTLYQSNTILRHLGRTLGLYG
KDQQEAALVDMVNDGVEDLRCKYISLIYTNYEAGKDDYVKALPGQLKPFETLLSQNQGGKTFIVGDQISFADYNLLDLLL
IHEVLAPGCLDAFPLLSAYVGRLSARPKLKAFLASPEYVNLPINGNGKQ
;
_entity_poly.pdbx_strand_id   A,B
#
# COMPACT_ATOMS: atom_id res chain seq x y z
N PRO A 1 1.24 0.43 24.59
CA PRO A 1 0.04 1.28 24.50
C PRO A 1 0.28 2.34 25.53
N PRO A 2 -0.50 3.31 25.93
CA PRO A 2 -1.70 3.79 25.22
C PRO A 2 -1.46 4.37 23.79
N TYR A 3 -2.60 4.53 23.10
CA TYR A 3 -2.71 4.86 21.70
C TYR A 3 -3.06 6.32 21.58
N THR A 4 -2.36 7.09 20.72
CA THR A 4 -2.75 8.47 20.41
C THR A 4 -2.78 8.64 18.90
N VAL A 5 -3.93 9.10 18.41
CA VAL A 5 -4.13 9.30 17.02
C VAL A 5 -4.00 10.80 16.91
N VAL A 6 -3.17 11.27 15.97
CA VAL A 6 -2.94 12.69 15.61
C VAL A 6 -3.44 12.81 14.16
N TYR A 7 -4.52 13.55 13.94
CA TYR A 7 -5.17 13.71 12.62
C TYR A 7 -6.05 14.99 12.54
N PHE A 8 -6.68 15.29 11.39
CA PHE A 8 -7.48 16.50 11.21
C PHE A 8 -8.87 16.15 11.67
N PRO A 9 -9.83 17.05 11.96
CA PRO A 9 -11.19 16.69 12.39
C PRO A 9 -12.03 16.07 11.27
N VAL A 10 -11.71 14.89 10.77
CA VAL A 10 -12.39 14.28 9.65
C VAL A 10 -12.15 12.80 9.92
N ARG A 11 -13.08 11.97 9.47
CA ARG A 11 -12.96 10.54 9.58
C ARG A 11 -11.86 10.16 8.61
N GLY A 12 -12.18 10.24 7.32
CA GLY A 12 -11.20 9.97 6.30
C GLY A 12 -10.42 8.68 6.49
N ARG A 13 -9.14 8.89 6.82
CA ARG A 13 -8.20 7.77 6.86
C ARG A 13 -7.90 7.24 8.25
N CYS A 14 -8.41 7.84 9.31
CA CYS A 14 -8.31 7.19 10.59
C CYS A 14 -9.60 6.43 10.89
N ALA A 15 -10.65 6.45 10.07
CA ALA A 15 -11.90 5.82 10.46
C ALA A 15 -11.73 4.35 10.73
N ALA A 16 -10.97 3.66 9.88
CA ALA A 16 -10.83 2.22 10.03
C ALA A 16 -10.02 1.86 11.25
N LEU A 17 -8.82 2.39 11.55
CA LEU A 17 -8.20 1.99 12.79
C LEU A 17 -9.02 2.45 13.99
N ARG A 18 -9.95 3.41 13.90
CA ARG A 18 -10.74 3.79 15.06
C ARG A 18 -11.80 2.77 15.26
N MET A 19 -12.39 2.25 14.19
CA MET A 19 -13.34 1.14 14.29
C MET A 19 -12.69 -0.10 14.91
N LEU A 20 -11.46 -0.43 14.46
CA LEU A 20 -10.67 -1.55 14.93
C LEU A 20 -10.51 -1.47 16.43
N LEU A 21 -9.77 -0.48 16.97
CA LEU A 21 -9.55 -0.33 18.40
C LEU A 21 -10.86 -0.22 19.13
N ALA A 22 -11.95 0.35 18.62
CA ALA A 22 -13.21 0.36 19.34
C ALA A 22 -13.86 -1.02 19.44
N ASP A 23 -13.76 -1.82 18.41
CA ASP A 23 -14.42 -3.12 18.39
C ASP A 23 -13.66 -4.16 19.20
N GLN A 24 -12.40 -3.86 19.39
CA GLN A 24 -11.54 -4.75 20.08
C GLN A 24 -11.36 -4.19 21.48
N GLY A 25 -12.29 -3.39 21.98
CA GLY A 25 -12.29 -2.79 23.32
C GLY A 25 -11.13 -1.91 23.74
N GLN A 26 -10.34 -1.38 22.80
CA GLN A 26 -9.19 -0.54 23.13
C GLN A 26 -9.65 0.90 23.24
N SER A 27 -8.77 1.68 23.87
CA SER A 27 -9.04 3.10 24.02
C SER A 27 -7.79 3.88 23.65
N TRP A 28 -8.07 5.09 23.15
CA TRP A 28 -7.05 5.96 22.60
C TRP A 28 -7.28 7.43 22.93
N LYS A 29 -6.26 8.31 22.90
CA LYS A 29 -6.43 9.75 23.02
C LYS A 29 -6.48 10.28 21.61
N GLU A 30 -7.49 11.03 21.23
CA GLU A 30 -7.46 11.67 19.93
C GLU A 30 -6.76 13.00 20.10
N GLU A 31 -5.56 13.27 19.53
CA GLU A 31 -4.93 14.64 19.43
C GLU A 31 -5.44 15.30 18.13
N VAL A 32 -6.25 16.35 18.24
CA VAL A 32 -6.92 16.98 17.08
C VAL A 32 -6.11 18.12 16.51
N VAL A 33 -5.71 17.98 15.27
CA VAL A 33 -4.97 19.03 14.61
C VAL A 33 -5.91 19.76 13.66
N THR A 34 -6.03 21.05 13.98
CA THR A 34 -6.81 21.94 13.14
C THR A 34 -5.95 22.39 11.93
N VAL A 35 -6.69 22.91 10.91
CA VAL A 35 -6.03 23.41 9.71
C VAL A 35 -5.15 24.59 10.13
N GLU A 36 -5.60 25.33 11.14
CA GLU A 36 -4.83 26.43 11.70
C GLU A 36 -3.47 25.98 12.28
N THR A 37 -3.44 24.84 12.93
CA THR A 37 -2.20 24.28 13.45
C THR A 37 -1.36 23.67 12.35
N TRP A 38 -1.99 23.14 11.28
CA TRP A 38 -1.24 22.55 10.18
C TRP A 38 -0.54 23.68 9.43
N GLN A 39 -1.31 24.79 9.35
CA GLN A 39 -0.94 26.01 8.68
C GLN A 39 0.23 26.59 9.45
N GLU A 40 0.22 26.66 10.78
CA GLU A 40 1.37 27.17 11.52
C GLU A 40 2.62 26.27 11.56
N GLY A 41 2.74 25.30 10.61
CA GLY A 41 3.97 24.64 10.09
C GLY A 41 4.82 23.71 10.98
N SER A 42 4.78 23.75 12.31
CA SER A 42 5.72 22.94 13.12
C SER A 42 5.46 21.42 13.06
N LEU A 43 4.18 21.02 13.10
CA LEU A 43 3.85 19.61 13.03
C LEU A 43 4.32 19.02 11.72
N LYS A 44 4.07 19.66 10.58
CA LYS A 44 4.45 19.12 9.28
C LYS A 44 5.93 18.82 9.20
N ALA A 45 6.74 19.67 9.78
CA ALA A 45 8.16 19.44 9.68
C ALA A 45 8.64 18.29 10.55
N SER A 46 7.79 17.79 11.43
CA SER A 46 8.02 16.62 12.30
C SER A 46 7.53 15.34 11.63
N CYS A 47 6.35 15.31 11.02
CA CYS A 47 5.88 14.15 10.32
C CYS A 47 6.85 13.73 9.24
N LEU A 48 7.24 12.45 9.17
CA LEU A 48 8.21 12.01 8.19
C LEU A 48 7.79 12.22 6.73
N TYR A 49 6.55 12.02 6.31
CA TYR A 49 6.20 12.18 4.91
C TYR A 49 5.45 13.48 4.77
N GLY A 50 5.66 14.49 5.61
CA GLY A 50 4.93 15.74 5.56
C GLY A 50 3.42 15.58 5.81
N GLN A 51 2.80 14.42 5.91
CA GLN A 51 1.36 14.38 6.05
C GLN A 51 0.94 13.70 7.36
N LEU A 52 -0.37 13.48 7.53
CA LEU A 52 -0.95 12.84 8.67
C LEU A 52 -1.91 11.70 8.25
N PRO A 53 -2.22 10.56 8.96
CA PRO A 53 -2.24 10.37 10.41
C PRO A 53 -0.87 10.05 10.93
N LYS A 54 -0.68 10.35 12.22
CA LYS A 54 0.53 10.08 13.01
C LYS A 54 -0.05 9.32 14.17
N PHE A 55 0.60 8.26 14.66
CA PHE A 55 0.03 7.38 15.69
C PHE A 55 1.11 6.98 16.66
N GLN A 56 0.77 7.12 17.94
CA GLN A 56 1.65 6.69 19.01
C GLN A 56 1.05 5.53 19.79
N ASP A 57 1.80 4.43 19.77
CA ASP A 57 1.52 3.22 20.49
C ASP A 57 2.71 3.15 21.44
N GLY A 58 2.58 3.75 22.59
CA GLY A 58 3.65 3.68 23.58
C GLY A 58 4.89 4.39 23.10
N ASP A 59 5.95 3.65 22.91
CA ASP A 59 7.17 4.26 22.40
C ASP A 59 7.38 4.53 20.88
N LEU A 60 6.44 4.02 20.07
CA LEU A 60 6.39 4.13 18.62
C LEU A 60 5.51 5.27 18.14
N THR A 61 6.10 6.07 17.28
CA THR A 61 5.34 7.05 16.53
C THR A 61 5.44 6.40 15.14
N LEU A 62 4.30 6.30 14.51
CA LEU A 62 4.24 5.64 13.25
C LEU A 62 3.46 6.59 12.37
N TYR A 63 3.95 6.66 11.15
CA TYR A 63 3.23 7.40 10.16
C TYR A 63 2.72 6.38 9.16
N GLN A 64 1.67 6.79 8.42
CA GLN A 64 1.06 6.14 7.29
C GLN A 64 -0.05 5.17 7.69
N SER A 65 -1.31 5.44 7.30
CA SER A 65 -2.51 4.71 7.67
C SER A 65 -2.30 3.22 7.54
N ASN A 66 -2.27 2.58 6.38
CA ASN A 66 -2.05 1.14 6.31
C ASN A 66 -0.84 0.60 7.07
N THR A 67 0.19 1.32 7.52
CA THR A 67 1.27 0.77 8.34
C THR A 67 0.87 0.57 9.80
N ILE A 68 0.02 1.46 10.28
CA ILE A 68 -0.58 1.48 11.59
C ILE A 68 -1.51 0.28 11.57
N LEU A 69 -2.43 0.21 10.60
CA LEU A 69 -3.41 -0.85 10.49
C LEU A 69 -2.61 -2.11 10.47
N ARG A 70 -1.64 -2.29 9.59
CA ARG A 70 -0.81 -3.49 9.58
C ARG A 70 -0.17 -3.70 10.94
N HIS A 71 0.24 -2.70 11.71
CA HIS A 71 0.88 -2.88 13.02
C HIS A 71 -0.11 -3.45 14.01
N LEU A 72 -1.27 -2.80 14.19
CA LEU A 72 -2.28 -3.29 15.09
C LEU A 72 -2.67 -4.70 14.71
N GLY A 73 -2.67 -5.10 13.45
CA GLY A 73 -2.95 -6.47 13.08
C GLY A 73 -1.87 -7.42 13.61
N ARG A 74 -0.61 -7.09 13.45
CA ARG A 74 0.47 -7.88 13.96
C ARG A 74 0.42 -7.94 15.52
N THR A 75 0.07 -6.83 16.16
CA THR A 75 0.12 -6.69 17.60
C THR A 75 -1.10 -7.21 18.34
N LEU A 76 -2.31 -6.93 17.89
CA LEU A 76 -3.56 -7.36 18.49
C LEU A 76 -4.08 -8.62 17.80
N GLY A 77 -3.18 -9.46 17.28
CA GLY A 77 -3.54 -10.69 16.57
C GLY A 77 -4.69 -10.57 15.57
N LEU A 78 -4.65 -9.65 14.62
CA LEU A 78 -5.72 -9.53 13.65
C LEU A 78 -5.15 -9.59 12.23
N TYR A 79 -4.21 -10.48 11.96
CA TYR A 79 -3.62 -10.60 10.64
C TYR A 79 -3.74 -12.06 10.21
N GLY A 80 -4.84 -12.68 10.64
CA GLY A 80 -5.09 -14.07 10.31
C GLY A 80 -4.20 -15.03 11.07
N LYS A 81 -4.54 -16.33 10.96
CA LYS A 81 -3.87 -17.34 11.76
C LYS A 81 -2.68 -18.04 11.16
N ASP A 82 -2.47 -18.05 9.85
CA ASP A 82 -1.35 -18.75 9.28
C ASP A 82 -0.88 -17.92 8.10
N GLN A 83 0.33 -18.24 7.55
CA GLN A 83 1.01 -17.65 6.37
C GLN A 83 0.16 -17.34 5.11
N GLN A 84 -0.73 -18.26 4.75
CA GLN A 84 -1.66 -18.08 3.65
C GLN A 84 -2.65 -17.00 4.09
N GLU A 85 -3.19 -17.06 5.29
CA GLU A 85 -4.16 -16.07 5.77
C GLU A 85 -3.55 -14.65 5.78
N ALA A 86 -2.24 -14.52 6.01
CA ALA A 86 -1.67 -13.20 6.10
C ALA A 86 -1.49 -12.60 4.71
N ALA A 87 -0.93 -13.32 3.75
CA ALA A 87 -0.82 -12.83 2.38
C ALA A 87 -2.20 -12.53 1.79
N LEU A 88 -3.26 -13.27 2.15
CA LEU A 88 -4.56 -12.89 1.70
C LEU A 88 -5.09 -11.68 2.46
N VAL A 89 -4.90 -11.43 3.78
CA VAL A 89 -5.46 -10.20 4.33
C VAL A 89 -4.76 -8.99 3.73
N ASP A 90 -3.43 -9.05 3.55
CA ASP A 90 -2.69 -8.05 2.79
C ASP A 90 -3.22 -7.94 1.39
N MET A 91 -3.41 -8.97 0.59
CA MET A 91 -3.95 -8.82 -0.74
C MET A 91 -5.30 -8.11 -0.77
N VAL A 92 -6.05 -8.11 0.34
CA VAL A 92 -7.40 -7.51 0.34
C VAL A 92 -7.39 -6.05 0.76
N ASN A 93 -6.55 -5.79 1.76
CA ASN A 93 -6.31 -4.44 2.22
C ASN A 93 -5.62 -3.68 1.10
N ASP A 94 -4.58 -4.22 0.42
CA ASP A 94 -4.14 -3.63 -0.82
C ASP A 94 -5.24 -3.34 -1.83
N GLY A 95 -6.02 -4.31 -2.30
CA GLY A 95 -7.12 -4.05 -3.20
C GLY A 95 -7.94 -2.90 -2.69
N VAL A 96 -8.15 -2.80 -1.38
CA VAL A 96 -8.93 -1.72 -0.78
C VAL A 96 -8.20 -0.40 -1.02
N GLU A 97 -6.88 -0.31 -0.71
CA GLU A 97 -6.12 0.91 -0.87
C GLU A 97 -6.29 1.53 -2.22
N ASP A 98 -6.11 0.72 -3.28
CA ASP A 98 -6.28 1.11 -4.66
C ASP A 98 -7.63 1.77 -4.84
N LEU A 99 -8.74 1.22 -4.36
CA LEU A 99 -10.00 1.93 -4.48
C LEU A 99 -10.09 3.14 -3.55
N ARG A 100 -9.41 3.24 -2.40
CA ARG A 100 -9.49 4.42 -1.55
C ARG A 100 -8.74 5.58 -2.22
N CYS A 101 -7.60 5.26 -2.84
CA CYS A 101 -6.79 6.18 -3.62
C CYS A 101 -7.75 6.76 -4.65
N LYS A 102 -8.51 6.01 -5.44
CA LYS A 102 -9.39 6.66 -6.39
C LYS A 102 -10.51 7.48 -5.73
N TYR A 103 -10.99 7.09 -4.54
CA TYR A 103 -12.03 7.88 -3.85
C TYR A 103 -11.43 9.20 -3.40
N ILE A 104 -10.19 9.30 -2.86
CA ILE A 104 -9.69 10.60 -2.39
C ILE A 104 -9.33 11.48 -3.55
N SER A 105 -8.79 10.97 -4.66
CA SER A 105 -8.68 11.75 -5.87
C SER A 105 -10.08 12.21 -6.32
N LEU A 106 -11.16 11.43 -6.30
CA LEU A 106 -12.45 12.00 -6.63
C LEU A 106 -12.77 13.13 -5.66
N ILE A 107 -12.57 12.95 -4.38
CA ILE A 107 -12.97 13.95 -3.42
C ILE A 107 -12.09 15.22 -3.37
N TYR A 108 -10.77 15.19 -3.43
CA TYR A 108 -9.96 16.38 -3.29
C TYR A 108 -9.33 16.92 -4.60
N THR A 109 -9.75 16.40 -5.75
CA THR A 109 -9.24 16.84 -7.02
C THR A 109 -10.34 17.23 -7.98
N ASN A 110 -11.34 16.36 -8.19
CA ASN A 110 -12.49 16.74 -8.97
C ASN A 110 -13.76 15.89 -8.84
N TYR A 111 -14.40 16.26 -7.71
CA TYR A 111 -15.64 15.62 -7.27
C TYR A 111 -16.74 15.84 -8.29
N GLU A 112 -17.08 17.13 -8.42
CA GLU A 112 -18.22 17.58 -9.20
C GLU A 112 -18.28 17.02 -10.60
N ALA A 113 -17.22 17.26 -11.37
CA ALA A 113 -17.11 16.71 -12.71
C ALA A 113 -16.83 15.20 -12.75
N GLY A 114 -16.07 14.62 -11.81
CA GLY A 114 -15.65 13.21 -11.87
C GLY A 114 -16.64 12.16 -11.33
N LYS A 115 -17.54 12.52 -10.41
CA LYS A 115 -18.46 11.62 -9.75
C LYS A 115 -19.22 10.71 -10.64
N ASP A 116 -20.01 11.13 -11.62
CA ASP A 116 -20.87 10.25 -12.39
C ASP A 116 -20.10 9.11 -13.02
N ASP A 117 -18.87 9.43 -13.41
CA ASP A 117 -17.94 8.53 -14.07
C ASP A 117 -17.36 7.54 -13.10
N TYR A 118 -17.14 7.99 -11.85
CA TYR A 118 -16.69 7.19 -10.72
C TYR A 118 -17.70 6.09 -10.38
N VAL A 119 -18.96 6.56 -10.22
CA VAL A 119 -20.07 5.70 -9.85
C VAL A 119 -20.42 4.79 -11.01
N LYS A 120 -20.07 5.16 -12.23
CA LYS A 120 -20.18 4.23 -13.33
C LYS A 120 -19.17 3.09 -13.12
N ALA A 121 -17.91 3.35 -12.81
CA ALA A 121 -16.91 2.29 -12.66
C ALA A 121 -17.03 1.42 -11.42
N LEU A 122 -17.76 1.88 -10.39
CA LEU A 122 -17.89 1.20 -9.10
C LEU A 122 -18.33 -0.26 -9.09
N PRO A 123 -19.42 -0.80 -9.65
CA PRO A 123 -19.68 -2.21 -9.67
C PRO A 123 -18.46 -3.05 -10.06
N GLY A 124 -17.77 -2.68 -11.14
CA GLY A 124 -16.58 -3.40 -11.58
C GLY A 124 -15.46 -3.34 -10.55
N GLN A 125 -15.47 -2.31 -9.71
CA GLN A 125 -14.47 -2.14 -8.68
C GLN A 125 -14.88 -2.91 -7.43
N LEU A 126 -16.17 -3.04 -7.11
CA LEU A 126 -16.53 -3.72 -5.87
C LEU A 126 -16.63 -5.22 -6.05
N LYS A 127 -16.96 -5.64 -7.27
CA LYS A 127 -17.06 -7.04 -7.65
C LYS A 127 -15.91 -7.92 -7.15
N PRO A 128 -14.58 -7.68 -7.17
CA PRO A 128 -13.59 -8.53 -6.55
C PRO A 128 -13.90 -8.89 -5.11
N PHE A 129 -14.34 -7.93 -4.29
CA PHE A 129 -14.56 -8.25 -2.89
C PHE A 129 -15.77 -9.18 -2.70
N GLU A 130 -16.81 -9.14 -3.53
CA GLU A 130 -17.93 -10.08 -3.40
C GLU A 130 -17.44 -11.51 -3.54
N THR A 131 -16.65 -11.65 -4.58
CA THR A 131 -15.98 -12.86 -4.97
C THR A 131 -15.15 -13.44 -3.84
N LEU A 132 -14.29 -12.63 -3.21
CA LEU A 132 -13.39 -13.10 -2.16
C LEU A 132 -14.21 -13.67 -1.05
N LEU A 133 -15.26 -12.94 -0.74
CA LEU A 133 -16.23 -13.32 0.26
C LEU A 133 -16.92 -14.61 -0.15
N SER A 134 -17.37 -14.82 -1.37
CA SER A 134 -18.05 -16.06 -1.71
C SER A 134 -17.14 -17.26 -1.57
N GLN A 135 -15.82 -17.06 -1.77
CA GLN A 135 -14.84 -18.14 -1.69
C GLN A 135 -14.73 -18.67 -0.27
N ASN A 136 -15.10 -17.90 0.74
CA ASN A 136 -14.90 -18.25 2.13
C ASN A 136 -16.23 -18.36 2.85
N GLN A 137 -16.69 -19.61 3.13
CA GLN A 137 -17.94 -19.87 3.86
C GLN A 137 -19.07 -19.11 3.20
N GLY A 138 -19.11 -19.07 1.86
CA GLY A 138 -20.12 -18.30 1.13
C GLY A 138 -20.33 -16.85 1.60
N GLY A 139 -19.34 -16.24 2.25
CA GLY A 139 -19.48 -14.92 2.81
C GLY A 139 -20.44 -14.86 3.98
N LYS A 140 -20.29 -15.91 4.77
CA LYS A 140 -21.07 -16.06 5.98
C LYS A 140 -20.17 -15.54 7.09
N THR A 141 -18.83 -15.54 6.96
CA THR A 141 -18.05 -14.99 8.06
C THR A 141 -17.42 -13.64 7.79
N PHE A 142 -16.21 -13.63 7.26
CA PHE A 142 -15.37 -12.47 7.19
C PHE A 142 -14.72 -12.55 5.84
N ILE A 143 -13.64 -11.80 5.58
CA ILE A 143 -13.10 -11.74 4.21
C ILE A 143 -11.88 -12.64 4.04
N VAL A 144 -11.54 -13.30 5.14
CA VAL A 144 -10.35 -14.13 5.25
C VAL A 144 -10.45 -15.11 6.45
N GLY A 145 -11.29 -16.14 6.35
CA GLY A 145 -11.38 -17.14 7.38
C GLY A 145 -12.37 -16.87 8.51
N ASP A 146 -12.06 -17.52 9.60
CA ASP A 146 -12.88 -17.56 10.78
C ASP A 146 -12.94 -16.31 11.65
N GLN A 147 -11.84 -15.59 11.73
CA GLN A 147 -11.70 -14.48 12.65
C GLN A 147 -11.37 -13.15 11.95
N ILE A 148 -11.86 -12.07 12.54
CA ILE A 148 -11.68 -10.71 12.05
C ILE A 148 -10.19 -10.34 11.86
N SER A 149 -9.87 -9.47 10.89
CA SER A 149 -8.51 -8.98 10.58
C SER A 149 -8.54 -7.48 10.35
N PHE A 150 -7.41 -6.76 10.38
CA PHE A 150 -7.44 -5.31 10.14
C PHE A 150 -8.10 -5.06 8.79
N ALA A 151 -7.74 -5.82 7.75
CA ALA A 151 -8.31 -5.70 6.43
C ALA A 151 -9.81 -5.81 6.48
N ASP A 152 -10.47 -6.36 7.51
CA ASP A 152 -11.93 -6.39 7.50
C ASP A 152 -12.44 -4.98 7.83
N TYR A 153 -11.75 -4.25 8.71
CA TYR A 153 -12.21 -2.92 9.16
C TYR A 153 -12.15 -1.92 8.03
N ASN A 154 -10.96 -1.89 7.45
CA ASN A 154 -10.67 -0.97 6.40
C ASN A 154 -11.61 -1.22 5.24
N LEU A 155 -11.94 -2.46 4.91
CA LEU A 155 -12.85 -2.70 3.82
C LEU A 155 -14.25 -2.19 4.20
N LEU A 156 -14.64 -2.33 5.47
CA LEU A 156 -15.94 -1.89 5.92
C LEU A 156 -16.04 -0.37 5.84
N ASP A 157 -14.98 0.37 6.20
CA ASP A 157 -14.98 1.82 6.01
C ASP A 157 -15.17 2.27 4.55
N LEU A 158 -14.56 1.54 3.61
CA LEU A 158 -14.71 1.86 2.22
C LEU A 158 -16.16 1.68 1.86
N LEU A 159 -16.85 0.58 2.15
CA LEU A 159 -18.24 0.42 1.70
C LEU A 159 -19.19 1.43 2.35
N LEU A 160 -18.98 1.87 3.59
CA LEU A 160 -19.83 2.86 4.24
C LEU A 160 -19.69 4.24 3.61
N ILE A 161 -18.46 4.73 3.30
CA ILE A 161 -18.29 6.00 2.60
C ILE A 161 -18.87 5.84 1.18
N HIS A 162 -18.67 4.69 0.53
CA HIS A 162 -19.24 4.43 -0.77
C HIS A 162 -20.74 4.38 -0.83
N GLU A 163 -21.44 4.06 0.27
CA GLU A 163 -22.89 4.06 0.26
C GLU A 163 -23.43 5.45 0.44
N VAL A 164 -22.65 6.36 1.04
CA VAL A 164 -22.99 7.79 1.10
C VAL A 164 -22.78 8.44 -0.29
N LEU A 165 -21.66 8.17 -0.98
CA LEU A 165 -21.45 8.63 -2.33
C LEU A 165 -22.41 7.98 -3.33
N ALA A 166 -22.70 6.68 -3.31
CA ALA A 166 -23.55 6.11 -4.35
C ALA A 166 -24.73 5.21 -3.89
N PRO A 167 -25.68 5.76 -3.08
CA PRO A 167 -26.63 4.97 -2.30
C PRO A 167 -27.45 4.06 -3.21
N GLY A 168 -27.03 2.81 -3.19
CA GLY A 168 -27.72 1.82 -4.00
C GLY A 168 -26.74 0.88 -4.63
N CYS A 169 -25.45 1.18 -4.38
CA CYS A 169 -24.38 0.40 -4.95
C CYS A 169 -24.36 -1.04 -4.44
N LEU A 170 -24.38 -1.15 -3.11
CA LEU A 170 -24.27 -2.42 -2.46
C LEU A 170 -25.42 -3.40 -2.62
N ASP A 171 -26.60 -2.87 -2.97
CA ASP A 171 -27.82 -3.63 -3.19
C ASP A 171 -27.71 -4.78 -4.19
N ALA A 172 -26.71 -4.76 -5.07
CA ALA A 172 -26.53 -5.87 -5.98
C ALA A 172 -25.47 -6.80 -5.45
N PHE A 173 -24.79 -6.40 -4.38
CA PHE A 173 -23.76 -7.18 -3.77
C PHE A 173 -24.26 -7.78 -2.44
N PRO A 174 -25.18 -8.79 -2.40
CA PRO A 174 -25.94 -9.23 -1.20
C PRO A 174 -25.08 -9.77 -0.07
N LEU A 175 -24.13 -10.65 -0.40
CA LEU A 175 -23.08 -11.05 0.54
C LEU A 175 -22.44 -9.82 1.20
N LEU A 176 -22.03 -8.81 0.37
CA LEU A 176 -21.33 -7.57 0.74
C LEU A 176 -22.22 -6.62 1.53
N SER A 177 -23.49 -6.60 1.20
CA SER A 177 -24.42 -5.79 1.98
C SER A 177 -24.66 -6.49 3.33
N ALA A 178 -24.79 -7.82 3.36
CA ALA A 178 -24.96 -8.56 4.60
C ALA A 178 -23.73 -8.50 5.48
N TYR A 179 -22.56 -8.47 4.86
CA TYR A 179 -21.30 -8.35 5.55
C TYR A 179 -21.34 -7.04 6.30
N VAL A 180 -21.86 -5.97 5.70
CA VAL A 180 -21.84 -4.72 6.43
C VAL A 180 -22.87 -4.85 7.54
N GLY A 181 -24.00 -5.53 7.25
CA GLY A 181 -25.11 -5.77 8.19
C GLY A 181 -24.71 -6.58 9.43
N ARG A 182 -23.79 -7.52 9.26
CA ARG A 182 -23.25 -8.32 10.32
C ARG A 182 -22.04 -7.60 10.96
N LEU A 183 -20.90 -7.13 10.37
CA LEU A 183 -19.89 -6.36 11.13
C LEU A 183 -20.39 -5.05 11.74
N SER A 184 -21.42 -4.37 11.23
CA SER A 184 -21.98 -3.22 11.92
C SER A 184 -22.68 -3.65 13.20
N ALA A 185 -23.29 -4.85 13.20
CA ALA A 185 -23.98 -5.34 14.38
C ALA A 185 -23.07 -5.55 15.60
N ARG A 186 -21.87 -6.12 15.51
CA ARG A 186 -21.06 -6.42 16.67
C ARG A 186 -20.81 -5.32 17.69
N PRO A 187 -21.53 -5.39 18.80
CA PRO A 187 -22.05 -4.23 19.50
C PRO A 187 -21.00 -3.33 20.09
N LYS A 188 -19.72 -3.70 20.11
CA LYS A 188 -18.71 -2.76 20.55
C LYS A 188 -18.46 -1.69 19.46
N LEU A 189 -18.50 -2.14 18.19
CA LEU A 189 -18.37 -1.34 16.97
C LEU A 189 -19.61 -0.49 16.73
N LYS A 190 -20.78 -1.14 16.77
CA LYS A 190 -22.09 -0.52 16.72
C LYS A 190 -22.29 0.60 17.75
N ALA A 191 -21.74 0.50 18.97
CA ALA A 191 -21.78 1.56 19.96
C ALA A 191 -20.99 2.75 19.44
N PHE A 192 -19.80 2.46 18.92
CA PHE A 192 -18.96 3.46 18.32
C PHE A 192 -19.59 4.11 17.06
N LEU A 193 -20.24 3.43 16.11
CA LEU A 193 -20.79 4.05 14.90
C LEU A 193 -21.98 5.01 15.10
N ALA A 194 -22.37 5.12 16.38
CA ALA A 194 -23.37 6.08 16.83
C ALA A 194 -22.79 6.99 17.93
N SER A 195 -21.50 6.96 18.22
CA SER A 195 -21.00 7.88 19.23
C SER A 195 -20.93 9.28 18.62
N PRO A 196 -21.09 10.38 19.38
CA PRO A 196 -20.57 11.69 19.05
C PRO A 196 -19.25 11.73 18.31
N GLU A 197 -18.06 11.34 18.80
CA GLU A 197 -16.82 11.43 18.03
C GLU A 197 -16.81 10.64 16.72
N TYR A 198 -17.92 10.04 16.29
CA TYR A 198 -18.00 9.46 14.97
C TYR A 198 -19.09 10.20 14.19
N VAL A 199 -20.31 10.29 14.72
CA VAL A 199 -21.41 10.91 14.02
C VAL A 199 -21.20 12.40 13.76
N ASN A 200 -20.47 13.08 14.64
CA ASN A 200 -20.23 14.51 14.55
C ASN A 200 -18.98 14.79 13.75
N LEU A 201 -18.34 13.84 13.11
CA LEU A 201 -17.20 14.16 12.29
C LEU A 201 -17.51 14.09 10.80
N PRO A 202 -17.01 15.09 10.05
CA PRO A 202 -17.10 15.12 8.59
C PRO A 202 -16.36 13.95 7.99
N ILE A 203 -16.85 13.39 6.88
CA ILE A 203 -16.14 12.28 6.28
C ILE A 203 -14.83 12.83 5.75
N ASN A 204 -14.96 13.84 4.92
CA ASN A 204 -13.83 14.39 4.19
C ASN A 204 -13.29 15.79 4.44
N GLY A 205 -13.86 16.66 5.27
CA GLY A 205 -13.26 17.99 5.41
C GLY A 205 -13.73 18.95 4.32
N ASN A 206 -13.22 18.82 3.10
CA ASN A 206 -13.55 19.64 1.94
C ASN A 206 -15.04 19.97 1.66
N GLY A 207 -15.88 19.13 2.26
CA GLY A 207 -17.32 19.33 2.30
C GLY A 207 -17.99 18.36 1.37
N LYS A 208 -17.23 17.38 0.86
CA LYS A 208 -17.73 16.44 -0.13
C LYS A 208 -17.68 15.02 0.42
N GLN A 209 -18.61 14.24 -0.13
CA GLN A 209 -18.93 12.89 0.24
C GLN A 209 -19.97 12.41 -0.76
N PRO B 1 7.87 -22.53 -2.73
CA PRO B 1 8.74 -22.67 -3.89
C PRO B 1 8.04 -23.76 -4.70
N PRO B 2 8.22 -23.97 -5.97
CA PRO B 2 8.86 -23.09 -6.91
C PRO B 2 8.01 -21.85 -7.17
N TYR B 3 8.80 -20.81 -7.48
CA TYR B 3 8.28 -19.49 -7.75
C TYR B 3 7.90 -19.31 -9.24
N THR B 4 6.75 -18.75 -9.56
CA THR B 4 6.36 -18.45 -10.92
C THR B 4 5.75 -17.05 -10.92
N VAL B 5 6.39 -16.16 -11.70
CA VAL B 5 6.04 -14.74 -11.92
C VAL B 5 5.23 -14.55 -13.21
N VAL B 6 3.99 -14.06 -13.27
CA VAL B 6 3.39 -13.78 -14.57
C VAL B 6 3.14 -12.26 -14.73
N TYR B 7 3.84 -11.68 -15.71
CA TYR B 7 3.76 -10.24 -16.01
C TYR B 7 4.06 -10.10 -17.49
N PHE B 8 3.65 -8.91 -17.96
CA PHE B 8 3.91 -8.34 -19.29
C PHE B 8 5.42 -8.10 -19.39
N PRO B 9 6.09 -8.08 -20.55
CA PRO B 9 7.54 -8.14 -20.56
C PRO B 9 8.26 -6.81 -20.31
N VAL B 10 7.92 -6.17 -19.19
CA VAL B 10 8.43 -4.87 -18.76
C VAL B 10 9.06 -5.19 -17.41
N ARG B 11 9.92 -4.32 -16.87
CA ARG B 11 10.50 -4.51 -15.55
C ARG B 11 9.43 -4.19 -14.55
N GLY B 12 8.67 -3.15 -14.87
CA GLY B 12 7.48 -2.67 -14.17
C GLY B 12 7.54 -2.77 -12.67
N ARG B 13 6.38 -3.19 -12.13
CA ARG B 13 6.23 -3.40 -10.69
C ARG B 13 6.85 -4.69 -10.14
N CYS B 14 7.46 -5.56 -10.96
CA CYS B 14 8.12 -6.78 -10.53
C CYS B 14 9.61 -6.52 -10.61
N ALA B 15 10.23 -5.35 -10.72
CA ALA B 15 11.70 -5.39 -10.72
C ALA B 15 12.30 -5.63 -9.36
N ALA B 16 11.62 -5.09 -8.33
CA ALA B 16 11.94 -5.22 -6.93
C ALA B 16 11.91 -6.70 -6.52
N LEU B 17 10.81 -7.39 -6.88
CA LEU B 17 10.72 -8.78 -6.53
C LEU B 17 11.76 -9.54 -7.32
N ARG B 18 11.93 -9.37 -8.63
CA ARG B 18 13.01 -10.05 -9.32
C ARG B 18 14.36 -9.81 -8.66
N MET B 19 14.66 -8.62 -8.14
CA MET B 19 15.97 -8.34 -7.55
C MET B 19 16.14 -9.01 -6.24
N LEU B 20 15.02 -9.07 -5.52
CA LEU B 20 14.96 -9.77 -4.25
C LEU B 20 15.31 -11.23 -4.47
N LEU B 21 14.58 -11.88 -5.35
CA LEU B 21 14.76 -13.30 -5.59
C LEU B 21 16.16 -13.66 -5.99
N ALA B 22 16.69 -12.96 -6.98
CA ALA B 22 18.03 -13.23 -7.44
C ALA B 22 19.09 -12.89 -6.42
N ASP B 23 18.86 -11.92 -5.54
CA ASP B 23 19.89 -11.62 -4.55
C ASP B 23 19.89 -12.65 -3.42
N GLN B 24 18.68 -13.07 -3.07
CA GLN B 24 18.39 -14.06 -2.05
C GLN B 24 18.41 -15.41 -2.74
N GLY B 25 19.51 -15.79 -3.39
CA GLY B 25 19.76 -17.07 -4.10
C GLY B 25 18.61 -17.88 -4.74
N GLN B 26 17.41 -17.35 -4.88
CA GLN B 26 16.29 -18.08 -5.34
C GLN B 26 16.23 -17.98 -6.84
N SER B 27 15.66 -19.02 -7.38
CA SER B 27 15.34 -19.08 -8.79
C SER B 27 13.87 -18.75 -8.97
N TRP B 28 13.38 -18.42 -10.17
CA TRP B 28 11.96 -18.24 -10.45
C TRP B 28 11.64 -18.49 -11.91
N LYS B 29 10.39 -18.74 -12.26
CA LYS B 29 10.05 -18.95 -13.64
C LYS B 29 9.35 -17.69 -14.03
N GLU B 30 9.47 -17.27 -15.32
CA GLU B 30 8.79 -16.10 -15.87
C GLU B 30 7.74 -16.59 -16.81
N GLU B 31 6.50 -16.18 -16.73
CA GLU B 31 5.53 -16.61 -17.71
C GLU B 31 5.09 -15.25 -18.29
N VAL B 32 5.49 -14.95 -19.55
CA VAL B 32 5.14 -13.67 -20.14
C VAL B 32 3.80 -13.60 -20.84
N VAL B 33 3.16 -12.49 -20.52
CA VAL B 33 1.85 -12.15 -21.06
C VAL B 33 2.10 -10.94 -21.96
N THR B 34 1.95 -11.11 -23.28
CA THR B 34 2.14 -9.96 -24.13
C THR B 34 0.81 -9.23 -24.25
N VAL B 35 0.83 -8.05 -24.88
CA VAL B 35 -0.34 -7.23 -24.85
C VAL B 35 -1.33 -7.83 -25.77
N GLU B 36 -0.93 -8.44 -26.88
CA GLU B 36 -1.93 -9.11 -27.72
C GLU B 36 -2.68 -10.18 -26.90
N THR B 37 -1.94 -10.98 -26.12
CA THR B 37 -2.48 -12.06 -25.31
C THR B 37 -3.44 -11.52 -24.29
N TRP B 38 -3.05 -10.44 -23.61
CA TRP B 38 -3.86 -9.80 -22.59
C TRP B 38 -5.14 -9.38 -23.24
N GLN B 39 -5.09 -8.88 -24.48
CA GLN B 39 -6.27 -8.40 -25.15
C GLN B 39 -7.30 -9.48 -25.45
N GLU B 40 -6.90 -10.74 -25.50
CA GLU B 40 -7.79 -11.89 -25.79
C GLU B 40 -8.72 -12.36 -24.66
N GLY B 41 -9.01 -11.41 -23.75
CA GLY B 41 -9.92 -11.40 -22.61
C GLY B 41 -9.78 -12.33 -21.41
N SER B 42 -9.31 -13.59 -21.40
CA SER B 42 -9.57 -14.66 -20.42
C SER B 42 -8.94 -14.50 -19.05
N LEU B 43 -7.58 -14.36 -19.17
CA LEU B 43 -6.66 -14.11 -18.05
C LEU B 43 -6.89 -12.84 -17.25
N LYS B 44 -7.48 -11.82 -17.82
CA LYS B 44 -7.76 -10.62 -17.07
C LYS B 44 -8.96 -10.94 -16.20
N ALA B 45 -9.83 -11.78 -16.70
CA ALA B 45 -11.01 -12.20 -15.95
C ALA B 45 -10.62 -13.24 -14.89
N SER B 46 -9.57 -14.04 -15.08
CA SER B 46 -9.01 -14.94 -14.09
C SER B 46 -8.30 -14.16 -12.99
N CYS B 47 -7.63 -13.04 -13.33
CA CYS B 47 -6.93 -12.21 -12.38
C CYS B 47 -7.90 -11.58 -11.40
N LEU B 48 -7.68 -11.60 -10.08
CA LEU B 48 -8.74 -11.18 -9.15
C LEU B 48 -9.21 -9.77 -9.37
N TYR B 49 -8.14 -9.00 -9.53
CA TYR B 49 -8.24 -7.56 -9.70
C TYR B 49 -8.02 -7.11 -11.14
N GLY B 50 -8.19 -7.95 -12.15
CA GLY B 50 -8.02 -7.57 -13.56
C GLY B 50 -6.61 -7.20 -14.00
N GLN B 51 -5.67 -7.02 -13.07
CA GLN B 51 -4.32 -6.59 -13.37
C GLN B 51 -3.26 -7.66 -13.07
N LEU B 52 -1.99 -7.24 -13.19
CA LEU B 52 -0.78 -8.05 -13.08
C LEU B 52 0.31 -7.36 -12.24
N PRO B 53 1.17 -8.00 -11.45
CA PRO B 53 1.53 -9.42 -11.56
C PRO B 53 0.58 -10.40 -10.88
N LYS B 54 0.90 -11.68 -11.06
CA LYS B 54 0.28 -12.86 -10.44
C LYS B 54 1.56 -13.56 -10.00
N PHE B 55 1.68 -13.94 -8.75
CA PHE B 55 2.84 -14.69 -8.29
C PHE B 55 2.30 -16.05 -7.93
N GLN B 56 3.05 -17.13 -8.13
CA GLN B 56 2.68 -18.45 -7.68
C GLN B 56 3.85 -18.89 -6.86
N ASP B 57 3.69 -19.10 -5.57
CA ASP B 57 4.79 -19.55 -4.73
C ASP B 57 4.89 -21.06 -4.59
N GLY B 58 3.83 -21.84 -4.71
CA GLY B 58 3.90 -23.29 -4.59
C GLY B 58 2.51 -23.52 -5.03
N ASP B 59 1.59 -23.60 -4.06
CA ASP B 59 0.15 -23.71 -4.34
C ASP B 59 -0.53 -22.36 -4.15
N LEU B 60 0.19 -21.41 -3.55
CA LEU B 60 -0.35 -20.08 -3.33
C LEU B 60 -0.10 -19.09 -4.53
N THR B 61 -1.22 -18.50 -4.95
CA THR B 61 -1.29 -17.62 -6.06
C THR B 61 -1.71 -16.28 -5.47
N LEU B 62 -0.74 -15.38 -5.55
CA LEU B 62 -0.81 -14.04 -4.99
C LEU B 62 -1.03 -13.02 -6.08
N TYR B 63 -1.53 -11.85 -5.74
CA TYR B 63 -1.68 -10.67 -6.63
C TYR B 63 -1.41 -9.43 -5.77
N GLN B 64 -1.25 -8.24 -6.36
CA GLN B 64 -0.89 -6.96 -5.78
C GLN B 64 0.56 -7.11 -5.41
N SER B 65 1.40 -6.24 -5.94
CA SER B 65 2.82 -6.46 -5.93
C SER B 65 3.42 -6.24 -4.60
N ASN B 66 2.74 -5.37 -3.87
CA ASN B 66 3.20 -5.14 -2.51
C ASN B 66 2.97 -6.34 -1.61
N THR B 67 1.81 -7.02 -1.81
CA THR B 67 1.45 -8.25 -1.14
C THR B 67 2.50 -9.22 -1.46
N ILE B 68 2.85 -9.37 -2.70
CA ILE B 68 3.87 -10.33 -3.08
C ILE B 68 5.15 -10.02 -2.34
N LEU B 69 5.54 -8.76 -2.19
CA LEU B 69 6.82 -8.51 -1.59
C LEU B 69 6.70 -8.75 -0.10
N ARG B 70 5.58 -8.39 0.58
CA ARG B 70 5.43 -8.60 2.04
C ARG B 70 5.60 -10.10 2.29
N HIS B 71 4.83 -10.91 1.54
CA HIS B 71 4.86 -12.35 1.60
C HIS B 71 6.29 -12.86 1.46
N LEU B 72 7.10 -12.48 0.46
CA LEU B 72 8.48 -12.95 0.48
C LEU B 72 9.32 -12.37 1.64
N GLY B 73 8.95 -11.30 2.35
CA GLY B 73 9.67 -10.86 3.52
C GLY B 73 9.32 -11.73 4.75
N ARG B 74 8.06 -12.18 4.93
CA ARG B 74 7.67 -13.09 5.99
C ARG B 74 8.39 -14.43 5.78
N THR B 75 8.11 -15.07 4.65
CA THR B 75 8.71 -16.34 4.28
C THR B 75 10.23 -16.38 4.30
N LEU B 76 10.89 -15.45 3.60
CA LEU B 76 12.33 -15.51 3.50
C LEU B 76 13.08 -14.74 4.57
N GLY B 77 12.35 -14.08 5.45
CA GLY B 77 12.97 -13.37 6.57
C GLY B 77 13.60 -12.05 6.21
N LEU B 78 12.89 -11.25 5.43
CA LEU B 78 13.37 -9.95 4.96
C LEU B 78 12.33 -8.97 5.51
N TYR B 79 12.12 -8.91 6.82
CA TYR B 79 11.04 -8.08 7.33
C TYR B 79 11.38 -7.66 8.72
N GLY B 80 12.62 -7.29 8.92
CA GLY B 80 13.02 -6.80 10.23
C GLY B 80 13.32 -7.99 11.09
N LYS B 81 13.80 -7.67 12.29
CA LYS B 81 14.08 -8.73 13.22
C LYS B 81 13.23 -8.56 14.48
N ASP B 82 12.21 -7.70 14.50
CA ASP B 82 11.45 -7.44 15.71
C ASP B 82 10.24 -6.66 15.27
N GLN B 83 9.23 -6.37 16.10
CA GLN B 83 8.05 -5.75 15.53
C GLN B 83 8.15 -4.26 15.30
N GLN B 84 9.12 -3.55 15.90
CA GLN B 84 9.39 -2.15 15.65
C GLN B 84 9.91 -2.08 14.18
N GLU B 85 11.05 -2.73 13.87
CA GLU B 85 11.62 -2.79 12.54
C GLU B 85 10.58 -3.20 11.51
N ALA B 86 9.70 -4.14 11.84
CA ALA B 86 8.69 -4.59 10.92
C ALA B 86 7.81 -3.40 10.60
N ALA B 87 7.40 -2.65 11.62
CA ALA B 87 6.52 -1.50 11.41
C ALA B 87 7.24 -0.49 10.54
N LEU B 88 8.54 -0.33 10.79
CA LEU B 88 9.27 0.62 10.02
C LEU B 88 9.48 0.12 8.60
N VAL B 89 9.69 -1.20 8.26
CA VAL B 89 9.90 -1.57 6.87
C VAL B 89 8.54 -1.35 6.22
N ASP B 90 7.42 -1.53 6.89
CA ASP B 90 6.14 -1.17 6.37
C ASP B 90 6.10 0.32 6.03
N MET B 91 6.55 1.17 6.94
CA MET B 91 6.56 2.61 6.81
C MET B 91 7.34 3.06 5.61
N VAL B 92 8.51 2.46 5.50
CA VAL B 92 9.35 2.75 4.38
C VAL B 92 8.75 2.14 3.11
N ASN B 93 8.38 0.89 2.91
CA ASN B 93 7.82 0.45 1.63
C ASN B 93 6.59 1.29 1.26
N ASP B 94 5.70 1.65 2.14
CA ASP B 94 4.60 2.56 1.80
C ASP B 94 5.04 3.97 1.41
N GLY B 95 6.30 4.30 1.65
CA GLY B 95 6.92 5.52 1.22
C GLY B 95 7.27 5.35 -0.26
N VAL B 96 8.02 4.29 -0.54
CA VAL B 96 8.35 3.96 -1.90
C VAL B 96 7.04 3.76 -2.70
N GLU B 97 5.95 3.18 -2.19
CA GLU B 97 4.73 2.96 -2.94
C GLU B 97 4.13 4.28 -3.37
N ASP B 98 3.92 5.22 -2.45
CA ASP B 98 3.41 6.54 -2.74
C ASP B 98 4.14 7.29 -3.83
N LEU B 99 5.47 7.25 -3.78
CA LEU B 99 6.23 7.84 -4.86
C LEU B 99 6.01 6.98 -6.09
N ARG B 100 6.21 5.65 -6.07
CA ARG B 100 6.11 4.79 -7.25
C ARG B 100 4.80 5.06 -7.96
N CYS B 101 3.72 5.30 -7.20
CA CYS B 101 2.43 5.47 -7.82
C CYS B 101 2.49 6.82 -8.56
N LYS B 102 3.16 7.87 -8.06
CA LYS B 102 3.29 9.16 -8.75
C LYS B 102 4.12 9.06 -10.02
N TYR B 103 5.22 8.28 -9.97
CA TYR B 103 6.04 8.02 -11.14
C TYR B 103 5.15 7.47 -12.25
N ILE B 104 4.39 6.45 -11.93
CA ILE B 104 3.45 5.80 -12.82
C ILE B 104 2.54 6.85 -13.46
N SER B 105 2.09 7.88 -12.74
CA SER B 105 1.24 8.94 -13.28
C SER B 105 1.92 9.72 -14.41
N LEU B 106 3.21 10.04 -14.23
CA LEU B 106 4.03 10.68 -15.25
C LEU B 106 4.05 9.72 -16.42
N ILE B 107 4.81 8.63 -16.23
CA ILE B 107 5.10 7.69 -17.30
C ILE B 107 3.92 7.30 -18.15
N TYR B 108 2.73 7.23 -17.62
CA TYR B 108 1.64 6.84 -18.45
C TYR B 108 0.66 7.94 -18.66
N THR B 109 0.55 8.99 -17.87
CA THR B 109 -0.51 9.92 -18.15
C THR B 109 -0.16 11.38 -18.38
N ASN B 110 1.14 11.67 -18.43
CA ASN B 110 1.58 13.05 -18.57
C ASN B 110 3.09 13.25 -18.77
N TYR B 111 3.77 12.32 -19.42
CA TYR B 111 5.22 12.30 -19.39
C TYR B 111 5.90 13.55 -19.94
N GLU B 112 5.50 13.91 -21.16
CA GLU B 112 6.15 14.98 -21.93
C GLU B 112 5.98 16.35 -21.25
N ALA B 113 4.73 16.65 -20.87
CA ALA B 113 4.38 17.91 -20.27
C ALA B 113 4.80 18.00 -18.83
N GLY B 114 4.48 16.96 -18.06
CA GLY B 114 4.68 16.91 -16.60
C GLY B 114 6.09 16.63 -16.18
N LYS B 115 6.88 15.92 -17.00
CA LYS B 115 8.25 15.61 -16.67
C LYS B 115 9.03 16.78 -16.13
N ASP B 116 8.64 17.95 -16.64
CA ASP B 116 9.19 19.24 -16.26
C ASP B 116 9.13 19.36 -14.74
N ASP B 117 7.92 19.62 -14.20
CA ASP B 117 7.74 19.86 -12.78
C ASP B 117 8.19 18.65 -11.95
N TYR B 118 8.03 17.41 -12.46
CA TYR B 118 8.43 16.20 -11.77
C TYR B 118 9.84 16.37 -11.34
N VAL B 119 10.87 16.54 -12.18
CA VAL B 119 12.22 16.58 -11.64
C VAL B 119 12.51 17.83 -10.83
N LYS B 120 11.55 18.75 -10.76
CA LYS B 120 11.70 19.90 -9.89
C LYS B 120 11.16 19.51 -8.52
N ALA B 121 10.01 18.81 -8.49
CA ALA B 121 9.33 18.40 -7.25
C ALA B 121 9.99 17.24 -6.51
N LEU B 122 10.77 16.50 -7.29
CA LEU B 122 11.49 15.36 -6.79
C LEU B 122 12.29 15.61 -5.52
N PRO B 123 13.23 16.54 -5.30
CA PRO B 123 13.99 16.66 -4.04
C PRO B 123 13.20 16.62 -2.71
N GLY B 124 12.00 17.17 -2.69
CA GLY B 124 11.16 17.15 -1.52
C GLY B 124 10.51 15.79 -1.34
N GLN B 125 10.33 15.04 -2.44
CA GLN B 125 9.82 13.68 -2.39
C GLN B 125 10.93 12.69 -2.03
N LEU B 126 12.18 12.90 -2.40
CA LEU B 126 13.22 11.98 -2.05
C LEU B 126 13.78 12.34 -0.70
N LYS B 127 13.35 13.49 -0.15
CA LYS B 127 13.82 13.93 1.17
C LYS B 127 13.64 12.90 2.29
N PRO B 128 12.48 12.29 2.57
CA PRO B 128 12.24 11.38 3.68
C PRO B 128 13.21 10.21 3.75
N PHE B 129 13.42 9.45 2.68
CA PHE B 129 14.44 8.44 2.66
C PHE B 129 15.79 9.05 3.06
N GLU B 130 16.19 10.27 2.66
CA GLU B 130 17.50 10.77 3.02
C GLU B 130 17.56 10.92 4.52
N THR B 131 16.45 11.37 5.12
CA THR B 131 16.32 11.51 6.56
C THR B 131 16.51 10.13 7.18
N LEU B 132 15.71 9.15 6.69
CA LEU B 132 15.64 7.79 7.21
C LEU B 132 17.03 7.19 7.28
N LEU B 133 17.82 7.19 6.20
CA LEU B 133 19.18 6.71 6.31
C LEU B 133 19.98 7.42 7.37
N SER B 134 19.94 8.74 7.53
CA SER B 134 20.77 9.39 8.54
C SER B 134 20.45 8.94 9.94
N GLN B 135 19.20 8.61 10.20
CA GLN B 135 18.82 8.09 11.49
C GLN B 135 19.25 6.62 11.68
N ASN B 136 19.28 5.85 10.60
CA ASN B 136 19.62 4.44 10.66
C ASN B 136 21.09 4.32 10.36
N GLN B 137 21.79 4.58 11.44
CA GLN B 137 23.25 4.43 11.54
C GLN B 137 24.05 5.40 10.66
N GLY B 138 23.38 6.48 10.19
CA GLY B 138 23.97 7.44 9.27
C GLY B 138 24.22 6.74 7.93
N GLY B 139 23.14 6.06 7.49
CA GLY B 139 23.06 5.46 6.19
C GLY B 139 24.10 4.44 5.81
N LYS B 140 25.15 4.04 6.58
CA LYS B 140 26.11 3.04 6.15
C LYS B 140 25.58 1.61 6.26
N THR B 141 24.26 1.38 6.45
CA THR B 141 23.70 0.04 6.27
C THR B 141 22.48 -0.09 5.37
N PHE B 142 21.28 0.14 5.83
CA PHE B 142 20.11 -0.28 5.10
C PHE B 142 19.03 0.64 5.61
N ILE B 143 17.87 0.71 4.94
CA ILE B 143 16.91 1.73 5.30
C ILE B 143 16.23 1.41 6.64
N VAL B 144 16.07 0.11 6.97
CA VAL B 144 15.51 -0.24 8.25
C VAL B 144 16.45 -1.27 8.84
N GLY B 145 17.05 -0.88 9.97
CA GLY B 145 17.92 -1.77 10.74
C GLY B 145 19.21 -2.12 10.04
N ASP B 146 19.81 -3.28 10.37
CA ASP B 146 21.05 -3.66 9.72
C ASP B 146 21.06 -5.02 9.05
N GLN B 147 19.95 -5.36 8.43
CA GLN B 147 19.83 -6.60 7.70
C GLN B 147 19.03 -6.17 6.49
N ILE B 148 19.27 -6.65 5.26
CA ILE B 148 18.47 -6.29 4.09
C ILE B 148 16.98 -6.64 4.28
N SER B 149 16.05 -5.95 3.70
CA SER B 149 14.65 -6.25 3.87
C SER B 149 14.08 -6.15 2.47
N PHE B 150 12.80 -6.45 2.32
CA PHE B 150 12.16 -6.38 1.05
C PHE B 150 11.98 -4.90 0.75
N ALA B 151 12.15 -3.96 1.72
CA ALA B 151 11.99 -2.52 1.49
C ALA B 151 13.29 -1.99 0.85
N ASP B 152 14.46 -2.49 1.22
CA ASP B 152 15.65 -2.12 0.50
C ASP B 152 15.52 -2.46 -0.98
N TYR B 153 14.82 -3.53 -1.37
CA TYR B 153 14.73 -3.86 -2.78
C TYR B 153 13.74 -3.01 -3.54
N ASN B 154 12.64 -2.56 -2.94
CA ASN B 154 11.67 -1.76 -3.66
C ASN B 154 12.16 -0.31 -3.66
N LEU B 155 12.91 0.23 -2.68
CA LEU B 155 13.48 1.58 -2.73
C LEU B 155 14.62 1.58 -3.76
N LEU B 156 15.64 0.72 -3.71
CA LEU B 156 16.72 0.67 -4.68
C LEU B 156 16.26 0.73 -6.14
N ASP B 157 15.21 0.04 -6.48
CA ASP B 157 14.66 0.14 -7.81
C ASP B 157 14.00 1.51 -8.09
N LEU B 158 13.17 2.05 -7.22
CA LEU B 158 12.54 3.32 -7.41
C LEU B 158 13.60 4.38 -7.63
N LEU B 159 14.73 4.19 -6.95
CA LEU B 159 15.91 5.03 -7.07
C LEU B 159 16.43 4.79 -8.48
N LEU B 160 16.94 3.60 -8.85
CA LEU B 160 17.40 3.27 -10.19
C LEU B 160 16.52 3.73 -11.38
N ILE B 161 15.19 3.57 -11.40
CA ILE B 161 14.40 4.09 -12.50
C ILE B 161 14.50 5.62 -12.53
N HIS B 162 14.56 6.31 -11.37
CA HIS B 162 14.70 7.76 -11.36
C HIS B 162 16.09 8.18 -11.76
N GLU B 163 17.13 7.37 -11.67
CA GLU B 163 18.40 7.91 -12.08
C GLU B 163 18.42 7.80 -13.61
N VAL B 164 17.59 6.91 -14.14
CA VAL B 164 17.42 6.89 -15.57
C VAL B 164 16.56 8.13 -15.91
N LEU B 165 15.38 8.43 -15.35
CA LEU B 165 14.64 9.67 -15.63
C LEU B 165 15.49 10.93 -15.57
N ALA B 166 16.43 11.01 -14.63
CA ALA B 166 17.19 12.21 -14.48
C ALA B 166 18.63 11.84 -14.20
N PRO B 167 19.51 11.56 -15.18
CA PRO B 167 20.91 11.11 -14.99
C PRO B 167 21.71 12.01 -14.08
N GLY B 168 21.54 11.74 -12.78
CA GLY B 168 22.11 12.57 -11.77
C GLY B 168 21.22 13.12 -10.67
N CYS B 169 19.89 12.98 -10.58
CA CYS B 169 19.11 13.48 -9.42
C CYS B 169 19.55 13.09 -7.98
N LEU B 170 20.22 11.96 -7.88
CA LEU B 170 20.65 11.45 -6.60
C LEU B 170 21.86 12.21 -6.06
N ASP B 171 22.53 13.06 -6.85
CA ASP B 171 23.67 13.78 -6.32
C ASP B 171 23.32 14.81 -5.27
N ALA B 172 22.11 15.38 -5.30
CA ALA B 172 21.68 16.29 -4.23
C ALA B 172 21.57 15.55 -2.89
N PHE B 173 21.42 14.22 -3.03
CA PHE B 173 21.13 13.29 -1.95
C PHE B 173 22.24 12.31 -1.62
N PRO B 174 23.33 12.78 -1.02
CA PRO B 174 24.55 12.00 -0.95
C PRO B 174 24.40 10.64 -0.22
N LEU B 175 23.58 10.50 0.85
CA LEU B 175 23.44 9.19 1.49
C LEU B 175 22.64 8.23 0.63
N LEU B 176 21.70 8.76 -0.15
CA LEU B 176 20.93 7.94 -1.06
C LEU B 176 21.85 7.33 -2.11
N SER B 177 22.82 8.09 -2.61
CA SER B 177 23.79 7.52 -3.56
C SER B 177 24.62 6.44 -2.91
N ALA B 178 25.12 6.67 -1.69
CA ALA B 178 25.98 5.70 -1.02
C ALA B 178 25.34 4.32 -0.88
N TYR B 179 24.06 4.38 -0.55
CA TYR B 179 23.17 3.26 -0.48
C TYR B 179 23.13 2.54 -1.82
N VAL B 180 22.56 3.11 -2.90
CA VAL B 180 22.53 2.42 -4.19
C VAL B 180 23.86 1.80 -4.62
N GLY B 181 24.94 2.53 -4.37
CA GLY B 181 26.25 2.01 -4.72
C GLY B 181 26.56 0.71 -3.98
N ARG B 182 26.29 0.72 -2.67
CA ARG B 182 26.57 -0.38 -1.77
C ARG B 182 25.72 -1.58 -2.13
N LEU B 183 24.42 -1.29 -2.35
CA LEU B 183 23.49 -2.35 -2.65
C LEU B 183 23.71 -2.92 -4.03
N SER B 184 24.04 -2.19 -5.10
CA SER B 184 24.37 -2.79 -6.40
C SER B 184 25.75 -3.49 -6.34
N ALA B 185 26.52 -3.31 -5.26
CA ALA B 185 27.77 -4.00 -5.06
C ALA B 185 27.58 -5.39 -4.40
N ARG B 186 26.39 -5.69 -3.84
CA ARG B 186 26.14 -7.01 -3.28
C ARG B 186 26.12 -8.00 -4.43
N PRO B 187 27.04 -8.97 -4.46
CA PRO B 187 27.33 -9.82 -5.60
C PRO B 187 26.14 -10.37 -6.36
N LYS B 188 25.24 -11.18 -5.80
CA LYS B 188 24.16 -11.77 -6.56
C LYS B 188 23.32 -10.71 -7.25
N LEU B 189 23.20 -9.52 -6.66
CA LEU B 189 22.43 -8.45 -7.27
C LEU B 189 23.17 -7.88 -8.46
N LYS B 190 24.47 -7.63 -8.29
CA LYS B 190 25.37 -7.11 -9.28
C LYS B 190 25.31 -8.00 -10.50
N ALA B 191 25.46 -9.31 -10.32
CA ALA B 191 25.38 -10.25 -11.43
C ALA B 191 24.02 -10.19 -12.10
N PHE B 192 22.96 -9.95 -11.34
CA PHE B 192 21.65 -9.90 -11.92
C PHE B 192 21.49 -8.67 -12.78
N LEU B 193 21.80 -7.50 -12.21
CA LEU B 193 21.61 -6.21 -12.85
C LEU B 193 22.33 -6.04 -14.19
N ALA B 194 23.43 -6.79 -14.35
CA ALA B 194 24.26 -6.83 -15.55
C ALA B 194 23.81 -7.94 -16.50
N SER B 195 22.65 -8.57 -16.32
CA SER B 195 22.30 -9.72 -17.15
C SER B 195 21.51 -9.29 -18.37
N PRO B 196 21.61 -9.96 -19.54
CA PRO B 196 20.61 -9.95 -20.61
C PRO B 196 19.19 -9.94 -20.11
N GLU B 197 18.95 -10.77 -19.09
CA GLU B 197 17.65 -10.95 -18.53
C GLU B 197 17.15 -9.62 -18.02
N TYR B 198 17.97 -8.86 -17.31
CA TYR B 198 17.55 -7.57 -16.82
C TYR B 198 17.63 -6.43 -17.85
N VAL B 199 18.76 -6.34 -18.56
CA VAL B 199 19.08 -5.23 -19.42
C VAL B 199 18.17 -4.97 -20.62
N ASN B 200 17.69 -5.97 -21.34
CA ASN B 200 16.93 -5.70 -22.56
C ASN B 200 15.45 -5.81 -22.31
N LEU B 201 15.02 -5.75 -21.05
CA LEU B 201 13.61 -5.84 -20.75
C LEU B 201 13.32 -4.40 -20.42
N PRO B 202 12.42 -3.78 -21.18
CA PRO B 202 12.08 -2.36 -21.00
C PRO B 202 11.66 -1.93 -19.60
N ILE B 203 11.94 -0.72 -19.07
CA ILE B 203 11.34 -0.35 -17.80
C ILE B 203 9.84 -0.23 -18.00
N ASN B 204 9.21 0.66 -18.78
CA ASN B 204 7.75 0.86 -18.69
C ASN B 204 6.87 0.29 -19.78
N GLY B 205 7.51 -0.14 -20.87
CA GLY B 205 6.73 -0.75 -21.97
C GLY B 205 6.12 0.20 -23.01
N ASN B 206 5.80 1.45 -22.65
CA ASN B 206 5.28 2.45 -23.57
C ASN B 206 6.38 3.28 -24.24
N GLY B 207 7.68 3.00 -24.21
CA GLY B 207 8.66 3.89 -24.83
C GLY B 207 9.25 4.84 -23.78
N LYS B 208 8.52 5.60 -22.96
CA LYS B 208 9.12 6.49 -21.94
C LYS B 208 9.92 5.66 -20.92
N GLN B 209 10.98 6.19 -20.32
CA GLN B 209 11.94 5.45 -19.48
C GLN B 209 12.55 6.48 -18.48
#